data_3BQ0
#
_entry.id   3BQ0
#
_cell.length_a   119.416
_cell.length_b   119.416
_cell.length_c   68.274
_cell.angle_alpha   90.00
_cell.angle_beta   90.00
_cell.angle_gamma   90.00
#
_symmetry.space_group_name_H-M   'P 41 21 2'
#
loop_
_entity.id
_entity.type
_entity.pdbx_description
1 polymer 'DNA polymerase IV'
2 polymer "DNA (5'-D(*DGP*DAP*DAP*DGP*DCP*DCP*DGP*DGP*DCP*DG)-3')"
3 polymer "DNA (5'-D(*DT*DTP*DCP*DCP*DGP*DCP*DCP*DCP*DGP*DGP*DCP*DTP*DTP*DCP*DC)-3')"
4 non-polymer 'CALCIUM ION'
5 water water
#
loop_
_entity_poly.entity_id
_entity_poly.type
_entity_poly.pdbx_seq_one_letter_code
_entity_poly.pdbx_strand_id
1 'polypeptide(L)'
;MIVIFVDFDYFFAQVEEVLNPQYKGKPLVVCVYSGRTKTSGAVATANYEARKLGVKAGMPIIKAMQIAPSAIYVPMRKPI
YEAFSNRIMNLLNKHADKIEVASIDEAYLDVTNKVEGNFENGIELARKIKQEILEKEKITVTVGVAPNKILAKIIADKSK
PNGLGVIRPTEVQDFLNELDIDEIPGIGSVLARRLNELGIQKLRDILSKNYNELEKITGKAKALYLLKLAQNKYSEPVEN
KSKIPHGRYLTLPYNTRDVKVILPYLKKAINEAYNKVNGIPMRITVIAIMEDLDILSKGKKFKHGISIDNAYKVAEDLLR
ELLVRDKRRNVRRIGVKLDNIIINKTNLSDFFDI
;
A
2 'polydeoxyribonucleotide' (DG)(DA)(DA)(DG)(DC)(DC)(DG)(DG)(DC)(DG) P
3 'polydeoxyribonucleotide' (DT)(DT)(DC)(DC)(DG)(DC)(DC)(DC)(DG)(DG)(DC)(DT)(DT)(DC)(DC) T
#
# COMPACT_ATOMS: atom_id res chain seq x y z
N MET A 1 -11.86 5.80 19.45
CA MET A 1 -10.80 6.16 18.49
C MET A 1 -11.45 6.68 17.22
N ILE A 2 -10.96 7.81 16.71
CA ILE A 2 -11.39 8.31 15.39
C ILE A 2 -10.26 8.22 14.37
N VAL A 3 -10.52 7.46 13.31
CA VAL A 3 -9.56 7.17 12.25
C VAL A 3 -10.05 7.71 10.91
N ILE A 4 -9.22 8.50 10.22
CA ILE A 4 -9.53 8.95 8.87
C ILE A 4 -8.62 8.30 7.86
N PHE A 5 -9.23 7.50 6.98
CA PHE A 5 -8.49 6.87 5.91
C PHE A 5 -8.58 7.75 4.65
N VAL A 6 -7.42 8.13 4.11
CA VAL A 6 -7.40 8.90 2.88
C VAL A 6 -6.84 8.00 1.79
N ASP A 7 -7.59 7.88 0.70
CA ASP A 7 -7.20 7.06 -0.45
C ASP A 7 -7.16 8.02 -1.63
N PHE A 8 -6.15 7.96 -2.50
CA PHE A 8 -6.10 8.90 -3.65
C PHE A 8 -6.79 8.30 -4.87
N ASP A 9 -7.70 9.05 -5.50
CA ASP A 9 -8.46 8.55 -6.67
C ASP A 9 -7.59 8.42 -7.92
N TYR A 10 -7.39 7.19 -8.38
CA TYR A 10 -6.70 6.92 -9.65
C TYR A 10 -5.51 7.86 -9.74
N PHE A 11 -4.59 7.65 -8.80
CA PHE A 11 -3.55 8.61 -8.48
C PHE A 11 -2.66 8.97 -9.66
N PHE A 12 -2.05 7.97 -10.29
CA PHE A 12 -1.10 8.22 -11.39
C PHE A 12 -1.75 9.01 -12.52
N ALA A 13 -3.00 8.66 -12.86
CA ALA A 13 -3.73 9.37 -13.90
C ALA A 13 -3.99 10.80 -13.49
N GLN A 14 -4.20 11.03 -12.20
CA GLN A 14 -4.53 12.37 -11.71
C GLN A 14 -3.29 13.25 -11.66
N VAL A 15 -2.17 12.65 -11.29
CA VAL A 15 -0.91 13.36 -11.32
C VAL A 15 -0.58 13.77 -12.77
N GLU A 16 -0.74 12.85 -13.71
CA GLU A 16 -0.43 13.15 -15.10
C GLU A 16 -1.29 14.28 -15.66
N GLU A 17 -2.59 14.25 -15.37
CA GLU A 17 -3.52 15.30 -15.78
C GLU A 17 -3.12 16.66 -15.19
N VAL A 18 -2.44 16.64 -14.04
CA VAL A 18 -2.07 17.87 -13.34
C VAL A 18 -0.85 18.52 -13.97
N LEU A 19 0.19 17.73 -14.20
CA LEU A 19 1.42 18.20 -14.87
C LEU A 19 1.19 18.52 -16.34
N ASN A 20 0.18 17.87 -16.93
CA ASN A 20 -0.12 18.02 -18.35
C ASN A 20 -1.59 18.45 -18.57
N PRO A 21 -1.91 19.72 -18.29
CA PRO A 21 -3.34 20.13 -18.30
C PRO A 21 -4.12 19.81 -19.57
N GLN A 22 -3.41 19.54 -20.67
CA GLN A 22 -4.05 19.22 -21.95
C GLN A 22 -4.50 17.75 -22.09
N TYR A 23 -4.34 16.98 -21.00
CA TYR A 23 -4.84 15.59 -20.93
C TYR A 23 -6.29 15.56 -20.45
N LYS A 24 -6.62 16.44 -19.52
CA LYS A 24 -7.98 16.57 -18.98
C LYS A 24 -8.98 16.52 -20.11
N GLY A 25 -10.09 15.83 -19.85
CA GLY A 25 -11.25 15.82 -20.76
C GLY A 25 -11.01 14.96 -21.98
N LYS A 26 -9.94 14.18 -21.96
CA LYS A 26 -9.60 13.34 -23.09
C LYS A 26 -9.02 12.07 -22.51
N PRO A 27 -9.26 10.91 -23.16
CA PRO A 27 -8.83 9.62 -22.59
C PRO A 27 -7.33 9.55 -22.36
N LEU A 28 -6.93 9.13 -21.17
CA LEU A 28 -5.51 8.99 -20.80
C LEU A 28 -5.22 7.66 -20.11
N VAL A 29 -4.20 6.94 -20.59
CA VAL A 29 -3.85 5.63 -20.03
C VAL A 29 -2.39 5.59 -19.61
N VAL A 30 -2.15 5.39 -18.32
CA VAL A 30 -0.79 5.27 -17.80
C VAL A 30 -0.38 3.81 -17.89
N CYS A 31 0.80 3.56 -18.46
CA CYS A 31 1.27 2.21 -18.75
C CYS A 31 2.41 1.74 -17.85
N VAL A 32 2.54 0.42 -17.73
CA VAL A 32 3.57 -0.21 -16.92
C VAL A 32 4.09 -1.45 -17.61
N TYR A 33 5.41 -1.49 -17.73
CA TYR A 33 6.11 -2.61 -18.35
C TYR A 33 6.92 -3.34 -17.28
N SER A 34 7.47 -4.49 -17.63
CA SER A 34 8.22 -5.30 -16.67
C SER A 34 9.68 -5.44 -17.09
N GLY A 35 10.43 -6.26 -16.34
CA GLY A 35 11.85 -6.52 -16.60
C GLY A 35 12.17 -7.14 -17.95
N THR A 39 9.15 -6.27 -23.95
CA THR A 39 8.46 -6.52 -22.67
C THR A 39 6.94 -6.28 -22.76
N SER A 40 6.22 -6.66 -21.71
CA SER A 40 4.76 -6.68 -21.70
C SER A 40 4.14 -5.47 -21.02
N GLY A 41 3.27 -4.78 -21.76
CA GLY A 41 2.59 -3.59 -21.27
C GLY A 41 1.18 -3.84 -20.75
N ALA A 42 0.89 -3.26 -19.59
CA ALA A 42 -0.44 -3.30 -19.00
C ALA A 42 -0.83 -1.90 -18.52
N VAL A 43 -2.10 -1.71 -18.21
CA VAL A 43 -2.61 -0.42 -17.73
C VAL A 43 -2.36 -0.27 -16.23
N ALA A 44 -1.57 0.73 -15.86
CA ALA A 44 -1.42 1.08 -14.47
C ALA A 44 -2.73 1.73 -14.04
N THR A 45 -3.01 2.91 -14.56
CA THR A 45 -4.27 3.59 -14.28
C THR A 45 -4.77 4.24 -15.54
N ALA A 46 -6.03 4.65 -15.53
CA ALA A 46 -6.65 5.33 -16.65
C ALA A 46 -7.48 6.47 -16.09
N ASN A 47 -7.56 7.59 -16.80
CA ASN A 47 -8.35 8.74 -16.33
C ASN A 47 -9.86 8.53 -16.54
N TYR A 48 -10.66 9.49 -16.09
CA TYR A 48 -12.13 9.37 -16.16
C TYR A 48 -12.70 8.95 -17.55
N GLU A 49 -12.35 9.67 -18.62
CA GLU A 49 -12.86 9.32 -19.97
C GLU A 49 -12.30 8.03 -20.56
N ALA A 50 -11.07 7.66 -20.19
CA ALA A 50 -10.55 6.33 -20.49
C ALA A 50 -11.38 5.22 -19.82
N ARG A 51 -11.68 5.38 -18.53
CA ARG A 51 -12.43 4.37 -17.78
C ARG A 51 -13.84 4.24 -18.30
N LYS A 52 -14.37 5.36 -18.78
CA LYS A 52 -15.70 5.47 -19.38
C LYS A 52 -15.80 4.60 -20.63
N LEU A 53 -14.64 4.42 -21.28
CA LEU A 53 -14.53 3.58 -22.47
C LEU A 53 -14.34 2.11 -22.12
N GLY A 54 -14.13 1.82 -20.84
CA GLY A 54 -14.00 0.44 -20.36
C GLY A 54 -12.58 0.04 -20.01
N VAL A 55 -11.64 0.99 -20.05
CA VAL A 55 -10.26 0.70 -19.74
C VAL A 55 -10.09 0.55 -18.24
N LYS A 56 -9.43 -0.53 -17.82
CA LYS A 56 -9.22 -0.77 -16.38
C LYS A 56 -7.84 -1.35 -16.05
N ALA A 57 -7.43 -1.20 -14.80
CA ALA A 57 -6.11 -1.68 -14.36
C ALA A 57 -5.87 -3.15 -14.70
N GLY A 58 -4.66 -3.48 -15.15
CA GLY A 58 -4.28 -4.85 -15.50
C GLY A 58 -4.45 -5.17 -16.98
N MET A 59 -5.37 -4.46 -17.62
CA MET A 59 -5.67 -4.68 -19.01
C MET A 59 -4.36 -4.55 -19.81
N PRO A 60 -4.10 -5.49 -20.73
CA PRO A 60 -2.95 -5.37 -21.61
C PRO A 60 -3.07 -4.10 -22.44
N ILE A 61 -1.96 -3.68 -23.04
CA ILE A 61 -1.94 -2.38 -23.72
C ILE A 61 -2.60 -2.44 -25.11
N ILE A 62 -2.43 -3.55 -25.81
CA ILE A 62 -3.05 -3.73 -27.13
C ILE A 62 -4.56 -3.75 -26.96
N LYS A 63 -5.03 -4.48 -25.95
CA LYS A 63 -6.45 -4.59 -25.66
C LYS A 63 -7.05 -3.22 -25.35
N ALA A 64 -6.33 -2.44 -24.55
CA ALA A 64 -6.76 -1.09 -24.19
C ALA A 64 -6.87 -0.21 -25.42
N MET A 65 -5.93 -0.39 -26.34
CA MET A 65 -5.93 0.32 -27.61
C MET A 65 -7.11 -0.01 -28.50
N GLN A 66 -7.53 -1.27 -28.51
CA GLN A 66 -8.65 -1.73 -29.33
C GLN A 66 -9.94 -0.98 -28.97
N ILE A 67 -10.15 -0.81 -27.68
CA ILE A 67 -11.36 -0.19 -27.17
C ILE A 67 -11.20 1.31 -26.93
N ALA A 68 -9.95 1.79 -26.91
CA ALA A 68 -9.68 3.21 -26.77
C ALA A 68 -8.56 3.70 -27.71
N PRO A 69 -8.79 3.61 -29.04
CA PRO A 69 -7.74 4.07 -29.98
C PRO A 69 -7.39 5.55 -29.84
N SER A 70 -8.35 6.37 -29.41
CA SER A 70 -8.14 7.81 -29.23
C SER A 70 -7.39 8.18 -27.93
N ALA A 71 -7.14 7.20 -27.08
CA ALA A 71 -6.41 7.44 -25.83
C ALA A 71 -4.97 7.87 -26.04
N ILE A 72 -4.43 8.60 -25.06
CA ILE A 72 -3.01 8.87 -24.95
C ILE A 72 -2.39 7.89 -23.95
N TYR A 73 -1.35 7.20 -24.37
CA TYR A 73 -0.68 6.20 -23.53
C TYR A 73 0.64 6.78 -23.16
N VAL A 74 0.86 6.93 -21.86
CA VAL A 74 2.08 7.51 -21.32
C VAL A 74 2.75 6.50 -20.39
N PRO A 75 4.10 6.54 -20.30
CA PRO A 75 4.77 5.61 -19.40
C PRO A 75 4.64 6.04 -17.95
N MET A 76 4.57 5.05 -17.07
CA MET A 76 4.67 5.27 -15.65
C MET A 76 5.92 6.09 -15.35
N ARG A 77 5.79 7.09 -14.49
CA ARG A 77 6.94 7.79 -13.89
C ARG A 77 6.87 7.76 -12.37
N LYS A 78 7.23 6.61 -11.79
CA LYS A 78 7.27 6.39 -10.35
C LYS A 78 7.88 7.53 -9.54
N PRO A 79 9.04 8.09 -9.98
CA PRO A 79 9.67 9.07 -9.10
C PRO A 79 8.75 10.24 -8.86
N ILE A 80 8.08 10.70 -9.92
CA ILE A 80 7.22 11.88 -9.83
C ILE A 80 5.99 11.61 -8.99
N TYR A 81 5.40 10.42 -9.15
CA TYR A 81 4.22 10.06 -8.40
C TYR A 81 4.56 9.95 -6.93
N GLU A 82 5.77 9.49 -6.66
CA GLU A 82 6.27 9.34 -5.29
C GLU A 82 6.48 10.70 -4.62
N ALA A 83 6.99 11.66 -5.38
CA ALA A 83 7.18 13.00 -4.83
C ALA A 83 5.85 13.72 -4.60
N PHE A 84 4.89 13.48 -5.51
CA PHE A 84 3.56 14.07 -5.40
C PHE A 84 2.88 13.54 -4.14
N SER A 85 2.91 12.21 -3.99
CA SER A 85 2.47 11.51 -2.79
C SER A 85 3.10 12.10 -1.51
N ASN A 86 4.40 12.33 -1.55
CA ASN A 86 5.05 12.84 -0.36
C ASN A 86 4.54 14.19 0.12
N ARG A 87 4.26 15.10 -0.81
CA ARG A 87 3.73 16.39 -0.44
C ARG A 87 2.39 16.25 0.26
N ILE A 88 1.57 15.32 -0.22
CA ILE A 88 0.26 15.07 0.34
C ILE A 88 0.39 14.37 1.69
N MET A 89 1.25 13.37 1.75
CA MET A 89 1.49 12.70 3.03
C MET A 89 1.89 13.70 4.07
N ASN A 90 2.70 14.69 3.71
CA ASN A 90 3.09 15.73 4.67
C ASN A 90 1.96 16.68 5.07
N LEU A 91 1.05 16.95 4.13
CA LEU A 91 -0.18 17.72 4.42
C LEU A 91 -1.04 17.03 5.45
N LEU A 92 -1.21 15.72 5.28
CA LEU A 92 -2.00 14.91 6.20
C LEU A 92 -1.37 14.93 7.58
N ASN A 93 -0.05 14.79 7.62
CA ASN A 93 0.73 14.76 8.84
C ASN A 93 0.41 15.90 9.81
N LYS A 94 0.16 17.08 9.28
CA LYS A 94 -0.12 18.24 10.12
C LYS A 94 -1.45 18.10 10.87
N HIS A 95 -2.29 17.15 10.43
CA HIS A 95 -3.63 16.97 10.99
C HIS A 95 -3.78 15.79 11.95
N ALA A 96 -2.80 14.88 11.96
CA ALA A 96 -2.95 13.60 12.64
C ALA A 96 -2.13 13.49 13.91
N ASP A 97 -2.69 12.84 14.93
CA ASP A 97 -1.92 12.43 16.11
C ASP A 97 -0.91 11.40 15.64
N LYS A 98 -1.40 10.45 14.87
CA LYS A 98 -0.59 9.38 14.32
C LYS A 98 -1.01 9.23 12.88
N ILE A 99 -0.03 8.94 12.02
CA ILE A 99 -0.30 8.67 10.63
C ILE A 99 0.48 7.44 10.16
N GLU A 100 -0.25 6.50 9.56
CA GLU A 100 0.33 5.32 8.99
C GLU A 100 0.20 5.42 7.48
N VAL A 101 1.34 5.54 6.80
CA VAL A 101 1.35 5.53 5.34
C VAL A 101 1.32 4.07 4.87
N ALA A 102 0.17 3.68 4.32
CA ALA A 102 -0.09 2.29 3.96
C ALA A 102 0.55 1.97 2.64
N SER A 103 0.45 2.90 1.70
CA SER A 103 1.04 2.78 0.36
C SER A 103 1.14 4.15 -0.31
N ILE A 104 1.55 4.18 -1.56
CA ILE A 104 1.71 5.42 -2.33
C ILE A 104 0.45 6.32 -2.38
N ASP A 105 -0.73 5.72 -2.28
CA ASP A 105 -1.97 6.49 -2.35
C ASP A 105 -2.94 6.22 -1.20
N GLU A 106 -2.46 5.60 -0.13
CA GLU A 106 -3.31 5.33 1.04
C GLU A 106 -2.64 5.77 2.36
N ALA A 107 -3.40 6.40 3.25
CA ALA A 107 -2.92 6.66 4.60
C ALA A 107 -4.03 6.68 5.63
N TYR A 108 -3.79 6.04 6.76
CA TYR A 108 -4.67 6.08 7.94
C TYR A 108 -4.22 7.18 8.90
N LEU A 109 -5.15 7.98 9.38
CA LEU A 109 -4.84 9.03 10.33
C LEU A 109 -5.60 8.77 11.62
N ASP A 110 -4.90 8.66 12.74
CA ASP A 110 -5.58 8.73 14.02
C ASP A 110 -5.74 10.21 14.39
N VAL A 111 -6.98 10.69 14.42
CA VAL A 111 -7.25 12.09 14.80
C VAL A 111 -7.97 12.28 16.15
N THR A 112 -8.19 11.18 16.86
CA THR A 112 -8.79 11.19 18.20
C THR A 112 -8.45 12.41 19.09
N ASN A 113 -7.17 12.72 19.29
CA ASN A 113 -6.82 13.90 20.11
C ASN A 113 -7.09 15.22 19.39
N LYS A 114 -6.83 15.28 18.10
CA LYS A 114 -7.04 16.50 17.33
C LYS A 114 -8.49 17.04 17.41
N VAL A 115 -9.46 16.13 17.39
CA VAL A 115 -10.87 16.50 17.40
C VAL A 115 -11.48 16.32 18.77
N GLU A 116 -10.61 16.00 19.73
CA GLU A 116 -10.97 15.80 21.15
C GLU A 116 -12.07 14.75 21.33
N GLY A 117 -11.93 13.62 20.64
CA GLY A 117 -12.94 12.56 20.71
C GLY A 117 -14.31 12.87 20.10
N ASN A 118 -14.48 14.07 19.57
CA ASN A 118 -15.77 14.46 18.99
C ASN A 118 -15.92 13.88 17.58
N PHE A 119 -16.82 12.90 17.42
CA PHE A 119 -16.97 12.28 16.12
C PHE A 119 -17.43 13.21 15.01
N GLU A 120 -18.40 14.07 15.29
CA GLU A 120 -18.82 15.07 14.32
C GLU A 120 -17.67 15.99 13.91
N ASN A 121 -16.80 16.32 14.86
CA ASN A 121 -15.63 17.12 14.53
C ASN A 121 -14.61 16.35 13.69
N GLY A 122 -14.56 15.04 13.88
CA GLY A 122 -13.82 14.13 13.00
C GLY A 122 -14.30 14.18 11.56
N ILE A 123 -15.62 14.11 11.37
CA ILE A 123 -16.20 14.17 10.02
C ILE A 123 -15.83 15.50 9.35
N GLU A 124 -16.05 16.60 10.05
CA GLU A 124 -15.68 17.92 9.51
C GLU A 124 -14.20 18.08 9.17
N LEU A 125 -13.31 17.48 9.97
CA LEU A 125 -11.87 17.52 9.70
C LEU A 125 -11.55 16.80 8.40
N ALA A 126 -12.18 15.65 8.19
CA ALA A 126 -12.05 14.92 6.94
C ALA A 126 -12.54 15.72 5.74
N ARG A 127 -13.58 16.53 5.95
CA ARG A 127 -14.00 17.45 4.91
C ARG A 127 -12.91 18.48 4.68
N LYS A 128 -12.36 19.03 5.77
CA LYS A 128 -11.29 20.01 5.69
C LYS A 128 -10.10 19.48 4.87
N ILE A 129 -9.81 18.19 5.07
CA ILE A 129 -8.65 17.54 4.45
C ILE A 129 -8.81 17.33 2.96
N LYS A 130 -9.97 16.84 2.51
CA LYS A 130 -10.27 16.75 1.07
C LYS A 130 -10.13 18.10 0.37
N GLN A 131 -10.77 19.12 0.94
CA GLN A 131 -10.74 20.48 0.40
C GLN A 131 -9.33 21.06 0.31
N GLU A 132 -8.48 20.70 1.27
CA GLU A 132 -7.08 21.12 1.28
C GLU A 132 -6.26 20.41 0.19
N ILE A 133 -6.32 19.08 0.16
CA ILE A 133 -5.63 18.31 -0.88
C ILE A 133 -6.03 18.81 -2.27
N LEU A 134 -7.33 18.97 -2.52
CA LEU A 134 -7.83 19.59 -3.75
C LEU A 134 -7.27 21.01 -4.01
N GLU A 135 -7.31 21.89 -3.01
CA GLU A 135 -6.80 23.26 -3.19
C GLU A 135 -5.29 23.33 -3.40
N LYS A 136 -4.53 22.70 -2.52
CA LYS A 136 -3.07 22.77 -2.59
C LYS A 136 -2.44 21.90 -3.69
N GLU A 137 -2.99 20.71 -3.93
CA GLU A 137 -2.39 19.76 -4.89
C GLU A 137 -3.26 19.39 -6.09
N LYS A 138 -4.53 19.81 -6.08
CA LYS A 138 -5.46 19.63 -7.20
C LYS A 138 -5.75 18.16 -7.50
N ILE A 139 -5.77 17.37 -6.43
CA ILE A 139 -6.08 15.94 -6.45
C ILE A 139 -7.41 15.70 -5.70
N THR A 140 -8.27 14.83 -6.24
CA THR A 140 -9.42 14.35 -5.48
C THR A 140 -9.04 13.10 -4.69
N VAL A 141 -9.52 13.02 -3.46
CA VAL A 141 -9.30 11.86 -2.60
C VAL A 141 -10.64 11.37 -2.04
N THR A 142 -10.65 10.11 -1.59
CA THR A 142 -11.79 9.59 -0.86
C THR A 142 -11.32 9.30 0.55
N VAL A 143 -12.09 9.80 1.51
CA VAL A 143 -11.80 9.59 2.89
C VAL A 143 -12.88 8.71 3.51
N GLY A 144 -12.53 8.08 4.63
CA GLY A 144 -13.46 7.28 5.41
C GLY A 144 -13.18 7.58 6.87
N VAL A 145 -14.20 8.02 7.59
CA VAL A 145 -14.07 8.34 9.01
C VAL A 145 -14.77 7.21 9.77
N ALA A 146 -14.07 6.58 10.71
CA ALA A 146 -14.59 5.38 11.39
C ALA A 146 -13.95 5.10 12.75
N PRO A 147 -14.62 4.27 13.58
CA PRO A 147 -14.03 3.91 14.89
C PRO A 147 -12.71 3.15 14.81
N ASN A 148 -12.41 2.53 13.66
CA ASN A 148 -11.14 1.82 13.48
C ASN A 148 -10.63 1.79 12.05
N LYS A 149 -9.45 1.21 11.86
CA LYS A 149 -8.73 1.21 10.59
C LYS A 149 -9.47 0.44 9.54
N ILE A 150 -9.89 -0.78 9.88
CA ILE A 150 -10.53 -1.63 8.91
C ILE A 150 -11.85 -1.02 8.46
N LEU A 151 -12.67 -0.57 9.40
CA LEU A 151 -13.97 0.03 9.06
C LEU A 151 -13.79 1.26 8.21
N ALA A 152 -12.74 2.03 8.52
CA ALA A 152 -12.42 3.26 7.79
C ALA A 152 -12.08 2.97 6.36
N LYS A 153 -11.26 1.95 6.12
CA LYS A 153 -10.96 1.53 4.76
C LYS A 153 -12.23 1.07 4.04
N ILE A 154 -13.00 0.22 4.69
CA ILE A 154 -14.18 -0.37 4.06
C ILE A 154 -15.18 0.70 3.63
N ILE A 155 -15.36 1.72 4.48
CA ILE A 155 -16.34 2.75 4.13
C ILE A 155 -15.85 3.70 3.02
N ALA A 156 -14.54 3.94 2.97
CA ALA A 156 -13.95 4.68 1.84
C ALA A 156 -14.19 3.87 0.57
N ASP A 157 -13.75 2.60 0.57
CA ASP A 157 -14.01 1.71 -0.57
C ASP A 157 -15.45 1.78 -1.05
N LYS A 158 -16.38 1.95 -0.13
CA LYS A 158 -17.80 1.99 -0.49
C LYS A 158 -18.23 3.33 -1.04
N SER A 159 -17.39 4.36 -0.92
CA SER A 159 -17.78 5.72 -1.28
C SER A 159 -16.96 6.31 -2.42
N LYS A 160 -16.07 5.52 -3.01
CA LYS A 160 -15.33 5.93 -4.23
C LYS A 160 -16.29 6.27 -5.36
N PRO A 161 -15.95 7.28 -6.20
CA PRO A 161 -14.76 8.15 -6.14
C PRO A 161 -15.05 9.50 -5.44
N ASN A 162 -13.98 10.21 -5.07
CA ASN A 162 -14.10 11.55 -4.48
C ASN A 162 -15.18 11.64 -3.39
N GLY A 163 -15.25 10.61 -2.56
CA GLY A 163 -16.27 10.54 -1.54
C GLY A 163 -15.80 10.73 -0.11
N LEU A 164 -16.75 10.54 0.80
CA LEU A 164 -16.53 10.70 2.21
C LEU A 164 -17.47 9.74 2.91
N GLY A 165 -16.94 8.59 3.30
CA GLY A 165 -17.73 7.56 3.94
C GLY A 165 -17.66 7.67 5.45
N VAL A 166 -18.78 7.43 6.10
CA VAL A 166 -18.85 7.64 7.55
C VAL A 166 -19.47 6.43 8.21
N ILE A 167 -18.85 5.99 9.29
CA ILE A 167 -19.43 5.01 10.20
C ILE A 167 -19.32 5.57 11.61
N ARG A 168 -20.44 5.86 12.24
CA ARG A 168 -20.44 6.50 13.53
C ARG A 168 -20.44 5.41 14.62
N PRO A 169 -19.74 5.64 15.74
CA PRO A 169 -19.69 4.61 16.77
C PRO A 169 -21.08 4.29 17.32
N THR A 170 -21.99 5.26 17.27
CA THR A 170 -23.36 5.05 17.75
C THR A 170 -24.25 4.37 16.71
N GLU A 171 -23.68 3.93 15.60
CA GLU A 171 -24.47 3.27 14.56
C GLU A 171 -23.69 2.14 13.89
N VAL A 172 -22.55 1.78 14.49
CA VAL A 172 -21.67 0.76 13.93
C VAL A 172 -22.36 -0.60 13.77
N GLN A 173 -23.29 -0.91 14.67
CA GLN A 173 -23.95 -2.22 14.62
C GLN A 173 -24.81 -2.43 13.39
N ASP A 174 -25.42 -1.37 12.89
CA ASP A 174 -26.20 -1.44 11.65
C ASP A 174 -25.33 -1.59 10.40
N PHE A 175 -24.10 -1.11 10.50
CA PHE A 175 -23.14 -1.30 9.44
C PHE A 175 -22.62 -2.72 9.49
N LEU A 176 -22.36 -3.22 10.70
CA LEU A 176 -21.84 -4.57 10.89
C LEU A 176 -22.90 -5.63 10.65
N ASN A 177 -24.17 -5.22 10.60
CA ASN A 177 -25.25 -6.14 10.28
C ASN A 177 -25.38 -6.36 8.78
N GLU A 178 -25.08 -5.32 8.00
CA GLU A 178 -25.34 -5.31 6.56
C GLU A 178 -24.09 -5.56 5.75
N LEU A 179 -22.97 -5.68 6.45
CA LEU A 179 -21.67 -5.82 5.80
C LEU A 179 -21.49 -7.20 5.17
N ASP A 180 -21.18 -7.20 3.87
CA ASP A 180 -20.96 -8.44 3.13
C ASP A 180 -19.63 -9.05 3.50
N ILE A 181 -19.52 -10.37 3.33
CA ILE A 181 -18.30 -11.08 3.63
C ILE A 181 -17.21 -10.76 2.61
N ASP A 182 -17.61 -10.46 1.38
CA ASP A 182 -16.66 -10.20 0.31
C ASP A 182 -16.05 -8.80 0.38
N GLU A 183 -16.77 -7.89 1.06
CA GLU A 183 -16.35 -6.49 1.17
C GLU A 183 -15.32 -6.24 2.27
N ILE A 184 -14.60 -7.30 2.67
CA ILE A 184 -13.68 -7.24 3.80
C ILE A 184 -12.22 -7.45 3.38
N PRO A 185 -11.32 -6.55 3.80
CA PRO A 185 -9.88 -6.70 3.64
C PRO A 185 -9.37 -8.08 4.09
N GLY A 186 -8.66 -8.76 3.20
CA GLY A 186 -8.15 -10.09 3.49
C GLY A 186 -9.01 -11.18 2.87
N ILE A 187 -10.25 -10.82 2.54
CA ILE A 187 -11.17 -11.72 1.86
C ILE A 187 -11.30 -11.29 0.41
N GLY A 188 -10.71 -12.09 -0.48
CA GLY A 188 -10.76 -11.85 -1.93
C GLY A 188 -11.74 -12.78 -2.60
N SER A 189 -11.52 -13.05 -3.89
CA SER A 189 -12.48 -13.81 -4.70
C SER A 189 -12.50 -15.32 -4.43
N VAL A 190 -11.39 -15.88 -3.95
CA VAL A 190 -11.30 -17.31 -3.63
C VAL A 190 -11.93 -17.61 -2.26
N LEU A 191 -11.47 -16.90 -1.24
CA LEU A 191 -11.93 -17.10 0.15
C LEU A 191 -13.41 -16.77 0.33
N ALA A 192 -13.92 -15.83 -0.47
CA ALA A 192 -15.34 -15.50 -0.51
C ALA A 192 -16.19 -16.70 -0.90
N ARG A 193 -15.77 -17.40 -1.97
CA ARG A 193 -16.48 -18.58 -2.48
C ARG A 193 -16.59 -19.71 -1.45
N ARG A 194 -15.52 -19.92 -0.69
CA ARG A 194 -15.48 -21.00 0.31
C ARG A 194 -16.32 -20.68 1.56
N LEU A 195 -16.42 -19.41 1.91
CA LEU A 195 -17.33 -18.98 2.97
C LEU A 195 -18.78 -19.02 2.47
N ASN A 196 -18.93 -18.85 1.15
CA ASN A 196 -20.22 -19.07 0.49
C ASN A 196 -20.56 -20.55 0.37
N GLU A 197 -19.65 -21.42 0.83
CA GLU A 197 -19.87 -22.87 0.87
C GLU A 197 -20.43 -23.34 2.22
N LEU A 198 -20.59 -22.40 3.16
CA LEU A 198 -21.24 -22.68 4.45
C LEU A 198 -22.55 -21.91 4.64
N GLY A 199 -22.85 -21.01 3.71
CA GLY A 199 -23.96 -20.08 3.88
C GLY A 199 -23.51 -18.91 4.73
N ILE A 200 -22.32 -18.38 4.43
CA ILE A 200 -21.81 -17.14 5.02
C ILE A 200 -21.71 -16.12 3.90
N GLN A 201 -22.72 -15.28 3.78
CA GLN A 201 -22.74 -14.19 2.80
C GLN A 201 -22.35 -12.90 3.49
N LYS A 202 -22.87 -12.71 4.71
CA LYS A 202 -22.66 -11.51 5.50
C LYS A 202 -21.82 -11.83 6.75
N LEU A 203 -21.34 -10.77 7.40
CA LEU A 203 -20.44 -10.90 8.54
C LEU A 203 -21.14 -11.55 9.73
N ARG A 204 -22.33 -11.06 10.07
CA ARG A 204 -23.13 -11.59 11.18
C ARG A 204 -23.18 -13.12 11.26
N ASP A 205 -23.20 -13.77 10.10
CA ASP A 205 -23.40 -15.21 9.97
C ASP A 205 -22.40 -16.03 10.77
N ILE A 206 -21.15 -15.60 10.78
CA ILE A 206 -20.08 -16.34 11.46
C ILE A 206 -20.37 -16.57 12.94
N LEU A 207 -21.03 -15.61 13.59
CA LEU A 207 -21.36 -15.72 15.02
C LEU A 207 -22.12 -17.01 15.31
N SER A 208 -22.99 -17.41 14.37
CA SER A 208 -23.80 -18.61 14.53
C SER A 208 -23.07 -19.91 14.15
N LYS A 209 -21.99 -19.80 13.37
CA LYS A 209 -21.26 -20.97 12.87
C LYS A 209 -20.26 -21.53 13.87
N ASN A 210 -19.92 -22.80 13.70
CA ASN A 210 -18.95 -23.47 14.57
C ASN A 210 -17.52 -23.05 14.20
N TYR A 211 -16.78 -22.63 15.22
CA TYR A 211 -15.52 -21.90 15.07
C TYR A 211 -14.36 -22.60 14.35
N ASN A 212 -14.26 -23.92 14.51
CA ASN A 212 -13.16 -24.68 13.90
C ASN A 212 -13.21 -24.79 12.38
N GLU A 213 -14.43 -24.76 11.82
CA GLU A 213 -14.63 -24.87 10.37
C GLU A 213 -14.13 -23.64 9.63
N LEU A 214 -14.36 -22.48 10.24
CA LEU A 214 -13.89 -21.20 9.70
C LEU A 214 -12.36 -21.19 9.68
N GLU A 215 -11.77 -21.75 10.73
CA GLU A 215 -10.32 -21.85 10.87
C GLU A 215 -9.72 -22.77 9.81
N LYS A 216 -10.45 -23.83 9.47
CA LYS A 216 -10.02 -24.77 8.43
C LYS A 216 -10.10 -24.17 7.01
N ILE A 217 -10.89 -23.11 6.86
CA ILE A 217 -11.03 -22.41 5.59
C ILE A 217 -10.10 -21.20 5.46
N THR A 218 -9.75 -20.57 6.59
CA THR A 218 -8.98 -19.30 6.56
C THR A 218 -7.66 -19.32 7.33
N GLY A 219 -7.53 -20.25 8.27
CA GLY A 219 -6.41 -20.24 9.20
C GLY A 219 -6.78 -19.46 10.43
N LYS A 220 -6.07 -19.70 11.53
CA LYS A 220 -6.36 -19.04 12.81
C LYS A 220 -6.25 -17.52 12.74
N ALA A 221 -5.28 -17.03 11.98
CA ALA A 221 -5.01 -15.60 11.82
C ALA A 221 -6.21 -14.79 11.30
N LYS A 222 -6.90 -15.30 10.29
CA LYS A 222 -8.04 -14.60 9.73
C LYS A 222 -9.36 -14.99 10.42
N ALA A 223 -9.41 -16.20 10.97
CA ALA A 223 -10.55 -16.62 11.77
C ALA A 223 -10.82 -15.61 12.89
N LEU A 224 -9.85 -15.47 13.81
CA LEU A 224 -9.95 -14.53 14.94
C LEU A 224 -10.05 -13.08 14.48
N TYR A 225 -9.52 -12.80 13.29
CA TYR A 225 -9.60 -11.49 12.70
C TYR A 225 -11.03 -11.12 12.33
N LEU A 226 -11.74 -12.06 11.70
CA LEU A 226 -13.12 -11.86 11.30
C LEU A 226 -14.05 -11.85 12.51
N LEU A 227 -13.71 -12.65 13.52
CA LEU A 227 -14.49 -12.72 14.75
C LEU A 227 -14.50 -11.40 15.49
N LYS A 228 -13.30 -10.89 15.80
CA LYS A 228 -13.14 -9.62 16.50
C LYS A 228 -13.82 -8.48 15.75
N LEU A 229 -13.93 -8.63 14.44
CA LEU A 229 -14.64 -7.64 13.64
C LEU A 229 -16.15 -7.75 13.83
N ALA A 230 -16.70 -8.94 13.64
CA ALA A 230 -18.13 -9.19 13.81
C ALA A 230 -18.59 -8.84 15.21
N GLN A 231 -17.73 -9.10 16.19
CA GLN A 231 -18.01 -8.81 17.61
C GLN A 231 -17.80 -7.34 17.98
N ASN A 232 -17.16 -6.60 17.08
CA ASN A 232 -16.80 -5.19 17.30
C ASN A 232 -15.76 -5.02 18.42
N LYS A 233 -14.75 -5.87 18.39
CA LYS A 233 -13.68 -5.89 19.40
C LYS A 233 -12.29 -5.70 18.78
N TYR A 234 -12.28 -5.52 17.45
CA TYR A 234 -11.06 -5.18 16.72
C TYR A 234 -10.54 -3.84 17.23
N SER A 235 -9.31 -3.86 17.71
CA SER A 235 -8.77 -2.70 18.39
C SER A 235 -7.60 -2.08 17.64
N GLU A 236 -6.67 -2.92 17.16
CA GLU A 236 -5.32 -2.49 16.73
C GLU A 236 -5.21 -1.05 16.18
N PRO A 237 -4.37 -0.22 16.83
CA PRO A 237 -4.32 1.22 16.62
C PRO A 237 -3.50 1.61 15.40
N VAL A 238 -3.34 2.90 15.18
CA VAL A 238 -2.52 3.44 14.11
C VAL A 238 -1.15 3.79 14.70
N GLU A 239 -0.09 3.26 14.12
CA GLU A 239 1.27 3.64 14.54
C GLU A 239 1.85 4.65 13.57
N ASN A 240 2.85 5.39 14.06
CA ASN A 240 3.62 6.26 13.20
C ASN A 240 4.62 5.41 12.42
N LYS A 241 4.17 4.89 11.28
CA LYS A 241 5.01 4.07 10.43
C LYS A 241 4.59 4.09 8.96
N SER A 242 5.59 4.09 8.09
CA SER A 242 5.37 4.07 6.66
C SER A 242 5.58 2.66 6.13
N LYS A 243 4.61 2.16 5.37
CA LYS A 243 4.75 0.85 4.76
C LYS A 243 5.29 0.90 3.33
N ILE A 244 5.64 2.07 2.81
CA ILE A 244 6.20 2.15 1.46
C ILE A 244 7.65 1.62 1.48
N PRO A 245 7.95 0.61 0.64
CA PRO A 245 9.30 0.07 0.64
C PRO A 245 10.25 0.92 -0.19
N HIS A 246 11.44 1.14 0.34
CA HIS A 246 12.49 1.86 -0.33
C HIS A 246 13.67 0.94 -0.59
N GLY A 247 13.92 0.71 -1.87
CA GLY A 247 14.99 -0.18 -2.32
C GLY A 247 15.87 0.43 -3.40
N ARG A 248 16.95 -0.30 -3.72
CA ARG A 248 17.95 0.14 -4.69
C ARG A 248 18.73 -1.05 -5.22
N TYR A 249 18.90 -1.09 -6.54
CA TYR A 249 19.67 -2.16 -7.19
C TYR A 249 20.79 -1.62 -8.06
N LEU A 250 21.91 -2.33 -8.03
CA LEU A 250 23.02 -2.03 -8.92
C LEU A 250 23.48 -3.31 -9.61
N THR A 251 23.53 -3.27 -10.94
CA THR A 251 24.10 -4.35 -11.73
C THR A 251 25.59 -4.37 -11.45
N LEU A 252 26.15 -5.56 -11.31
CA LEU A 252 27.57 -5.73 -11.08
C LEU A 252 28.28 -5.79 -12.42
N PRO A 253 29.57 -5.38 -12.48
CA PRO A 253 30.29 -5.35 -13.77
C PRO A 253 30.41 -6.72 -14.43
N TYR A 254 30.18 -7.77 -13.64
CA TYR A 254 30.21 -9.16 -14.09
C TYR A 254 29.67 -10.01 -12.97
N ASN A 255 29.16 -11.19 -13.30
CA ASN A 255 28.70 -12.13 -12.31
C ASN A 255 29.85 -12.56 -11.38
N THR A 256 29.63 -12.46 -10.08
CA THR A 256 30.66 -12.77 -9.08
C THR A 256 30.10 -13.33 -7.76
N ARG A 257 30.99 -13.95 -6.98
CA ARG A 257 30.65 -14.50 -5.68
C ARG A 257 31.61 -14.02 -4.58
N ASP A 258 32.45 -13.05 -4.91
CA ASP A 258 33.44 -12.51 -3.97
C ASP A 258 32.84 -11.35 -3.17
N VAL A 259 32.68 -11.55 -1.87
CA VAL A 259 32.08 -10.56 -0.95
C VAL A 259 32.80 -9.20 -1.01
N LYS A 260 34.13 -9.24 -1.06
CA LYS A 260 34.96 -8.03 -1.17
C LYS A 260 34.74 -7.29 -2.50
N VAL A 261 34.17 -7.98 -3.48
CA VAL A 261 33.86 -7.39 -4.79
C VAL A 261 32.46 -6.77 -4.80
N ILE A 262 31.51 -7.51 -4.23
CA ILE A 262 30.09 -7.12 -4.22
C ILE A 262 29.70 -6.12 -3.15
N LEU A 263 30.49 -6.03 -2.07
CA LEU A 263 30.24 -5.08 -0.98
C LEU A 263 30.33 -3.61 -1.37
N PRO A 264 31.34 -3.22 -2.18
CA PRO A 264 31.35 -1.84 -2.69
C PRO A 264 30.02 -1.45 -3.30
N TYR A 265 29.36 -2.40 -3.94
CA TYR A 265 28.07 -2.16 -4.57
C TYR A 265 26.88 -2.28 -3.61
N LEU A 266 27.00 -3.13 -2.59
CA LEU A 266 25.96 -3.21 -1.56
C LEU A 266 25.92 -1.96 -0.67
N LYS A 267 27.09 -1.46 -0.26
CA LYS A 267 27.17 -0.22 0.52
C LYS A 267 26.49 0.94 -0.23
N LYS A 268 26.80 1.05 -1.52
CA LYS A 268 26.16 2.04 -2.39
C LYS A 268 24.64 1.84 -2.45
N ALA A 269 24.20 0.57 -2.46
CA ALA A 269 22.78 0.21 -2.49
C ALA A 269 22.04 0.67 -1.22
N ILE A 270 22.64 0.37 -0.07
CA ILE A 270 22.17 0.84 1.23
C ILE A 270 22.16 2.38 1.30
N ASN A 271 23.24 3.01 0.84
CA ASN A 271 23.33 4.45 0.73
C ASN A 271 22.08 5.03 0.10
N GLU A 272 21.88 4.71 -1.18
CA GLU A 272 20.79 5.28 -1.98
C GLU A 272 19.40 4.98 -1.40
N ALA A 273 19.33 3.94 -0.57
CA ALA A 273 18.09 3.56 0.11
C ALA A 273 17.87 4.32 1.42
N TYR A 274 18.86 4.31 2.32
CA TYR A 274 18.75 5.04 3.58
C TYR A 274 18.57 6.53 3.39
N ASN A 275 19.26 7.10 2.39
CA ASN A 275 19.09 8.51 2.06
C ASN A 275 17.73 8.83 1.44
N LYS A 276 16.99 7.77 1.11
CA LYS A 276 15.66 7.89 0.54
C LYS A 276 14.55 7.80 1.61
N VAL A 277 14.95 7.58 2.87
CA VAL A 277 14.01 7.10 3.90
C VAL A 277 13.21 8.12 4.73
N ASN A 278 13.89 8.97 5.49
CA ASN A 278 13.24 9.84 6.49
C ASN A 278 12.44 9.02 7.52
N GLY A 279 13.16 8.56 8.54
CA GLY A 279 12.65 7.59 9.50
C GLY A 279 13.59 6.39 9.62
N ILE A 280 13.23 5.41 10.43
CA ILE A 280 14.13 4.29 10.73
C ILE A 280 13.49 2.90 10.49
N PRO A 281 13.96 2.21 9.44
CA PRO A 281 13.40 0.95 8.99
C PRO A 281 13.44 -0.14 10.04
N MET A 282 12.38 -0.92 10.09
CA MET A 282 12.30 -2.08 10.98
C MET A 282 12.60 -3.37 10.26
N ARG A 283 12.88 -3.30 8.97
CA ARG A 283 13.32 -4.47 8.23
C ARG A 283 14.20 -4.07 7.06
N ILE A 284 15.31 -4.79 6.93
CA ILE A 284 16.21 -4.67 5.81
C ILE A 284 16.22 -6.01 5.09
N THR A 285 16.30 -5.98 3.77
CA THR A 285 16.33 -7.16 2.94
C THR A 285 17.44 -6.99 1.89
N VAL A 286 18.41 -7.89 1.92
CA VAL A 286 19.43 -7.95 0.88
C VAL A 286 18.92 -8.87 -0.22
N ILE A 287 18.93 -8.37 -1.44
CA ILE A 287 18.41 -9.10 -2.59
C ILE A 287 19.52 -9.27 -3.63
N ALA A 288 19.94 -10.51 -3.81
CA ALA A 288 20.93 -10.84 -4.82
C ALA A 288 20.22 -11.50 -5.99
N ILE A 289 20.29 -10.87 -7.16
CA ILE A 289 19.81 -11.50 -8.41
C ILE A 289 20.95 -12.29 -9.10
N MET A 290 20.77 -13.60 -9.23
CA MET A 290 21.82 -14.48 -9.75
C MET A 290 22.07 -14.37 -11.27
N GLU A 291 23.09 -15.10 -11.75
CA GLU A 291 23.42 -15.18 -13.19
C GLU A 291 22.19 -15.47 -14.05
N ASP A 292 21.51 -16.57 -13.73
CA ASP A 292 20.35 -17.09 -14.44
C ASP A 292 19.08 -16.27 -14.18
N LEU A 293 19.23 -15.20 -13.40
CA LEU A 293 18.15 -14.30 -13.00
C LEU A 293 17.17 -14.90 -11.98
N ASP A 294 17.70 -15.71 -11.06
CA ASP A 294 16.96 -16.17 -9.88
C ASP A 294 17.30 -15.33 -8.63
N ILE A 295 16.33 -15.25 -7.71
CA ILE A 295 16.35 -14.27 -6.61
C ILE A 295 16.65 -14.91 -5.23
N LEU A 296 17.59 -14.31 -4.49
CA LEU A 296 18.05 -14.85 -3.20
C LEU A 296 18.09 -13.76 -2.11
N SER A 297 17.05 -13.72 -1.28
CA SER A 297 16.87 -12.65 -0.29
C SER A 297 16.73 -13.12 1.16
N LYS A 298 17.26 -12.32 2.08
CA LYS A 298 17.20 -12.60 3.52
C LYS A 298 17.13 -11.26 4.27
N GLY A 299 16.32 -11.23 5.33
CA GLY A 299 16.16 -10.01 6.10
C GLY A 299 16.06 -10.21 7.59
N LYS A 300 16.61 -9.25 8.34
CA LYS A 300 16.42 -9.18 9.80
C LYS A 300 15.26 -8.26 10.14
N LYS A 301 14.22 -8.83 10.75
CA LYS A 301 13.11 -8.07 11.31
C LYS A 301 13.53 -7.56 12.68
N PHE A 302 14.00 -6.32 12.70
CA PHE A 302 14.49 -5.69 13.92
C PHE A 302 13.34 -5.25 14.85
N LYS A 303 13.38 -5.73 16.10
CA LYS A 303 12.41 -5.35 17.15
C LYS A 303 12.14 -3.85 17.11
N HIS A 304 13.21 -3.07 17.23
CA HIS A 304 13.18 -1.64 16.98
C HIS A 304 13.79 -1.37 15.60
N GLY A 305 14.38 -0.19 15.42
CA GLY A 305 14.87 0.21 14.10
C GLY A 305 16.32 -0.16 13.80
N ILE A 306 16.72 0.04 12.56
CA ILE A 306 18.10 -0.14 12.12
C ILE A 306 18.64 1.15 11.51
N SER A 307 19.77 1.62 12.01
CA SER A 307 20.46 2.75 11.39
C SER A 307 21.46 2.20 10.37
N ILE A 308 22.03 3.08 9.55
CA ILE A 308 23.08 2.69 8.60
C ILE A 308 24.32 2.17 9.36
N ASP A 309 24.61 2.80 10.50
CA ASP A 309 25.70 2.39 11.39
C ASP A 309 25.55 0.94 11.87
N ASN A 310 24.31 0.50 12.01
CA ASN A 310 24.01 -0.87 12.38
C ASN A 310 23.91 -1.73 11.12
N ALA A 311 23.54 -1.10 10.01
CA ALA A 311 23.04 -1.79 8.82
C ALA A 311 24.10 -2.51 8.00
N TYR A 312 25.27 -1.89 7.84
CA TYR A 312 26.32 -2.39 6.97
C TYR A 312 26.66 -3.85 7.23
N LYS A 313 27.02 -4.16 8.46
CA LYS A 313 27.44 -5.52 8.82
C LYS A 313 26.24 -6.46 9.03
N VAL A 314 25.06 -5.88 9.27
CA VAL A 314 23.80 -6.63 9.27
C VAL A 314 23.47 -7.06 7.83
N ALA A 315 23.72 -6.16 6.88
CA ALA A 315 23.53 -6.45 5.45
C ALA A 315 24.65 -7.32 4.88
N GLU A 316 25.82 -7.29 5.53
CA GLU A 316 26.96 -8.10 5.11
C GLU A 316 26.72 -9.58 5.40
N ASP A 317 26.46 -9.90 6.67
CA ASP A 317 26.21 -11.28 7.09
C ASP A 317 24.84 -11.76 6.65
N LEU A 318 24.09 -10.87 6.00
CA LEU A 318 22.92 -11.28 5.25
C LEU A 318 23.40 -11.93 3.95
N LEU A 319 24.27 -11.23 3.23
CA LEU A 319 24.86 -11.77 2.00
C LEU A 319 25.81 -12.93 2.28
N ARG A 320 26.66 -12.76 3.29
CA ARG A 320 27.60 -13.81 3.70
C ARG A 320 26.88 -15.07 4.17
N GLU A 321 25.56 -14.98 4.29
CA GLU A 321 24.70 -16.14 4.52
C GLU A 321 24.02 -16.55 3.22
N LEU A 322 23.66 -15.58 2.39
CA LEU A 322 23.06 -15.85 1.07
C LEU A 322 23.97 -16.74 0.24
N LEU A 323 25.28 -16.54 0.42
CA LEU A 323 26.29 -17.30 -0.31
C LEU A 323 26.59 -18.65 0.34
N VAL A 324 26.46 -18.71 1.67
CA VAL A 324 26.47 -19.98 2.41
C VAL A 324 25.25 -20.80 1.99
N ARG A 325 24.15 -20.10 1.70
CA ARG A 325 22.92 -20.72 1.19
C ARG A 325 23.01 -21.08 -0.29
N ASP A 326 23.94 -20.47 -1.01
CA ASP A 326 24.10 -20.69 -2.46
C ASP A 326 25.57 -20.64 -2.90
N LYS A 327 26.27 -21.76 -2.70
CA LYS A 327 27.68 -21.86 -3.09
C LYS A 327 27.84 -22.10 -4.59
N ARG A 328 26.70 -22.36 -5.25
CA ARG A 328 26.67 -22.73 -6.66
C ARG A 328 26.84 -21.54 -7.60
N ARG A 329 25.95 -20.55 -7.45
CA ARG A 329 25.75 -19.52 -8.47
C ARG A 329 26.31 -18.15 -8.11
N ASN A 330 26.67 -17.40 -9.15
CA ASN A 330 27.18 -16.04 -9.00
C ASN A 330 26.07 -15.01 -9.02
N VAL A 331 26.32 -13.91 -8.32
CA VAL A 331 25.43 -12.77 -8.25
C VAL A 331 25.65 -11.92 -9.49
N ARG A 332 24.56 -11.58 -10.17
CA ARG A 332 24.61 -10.63 -11.28
C ARG A 332 24.32 -9.22 -10.82
N ARG A 333 23.28 -9.07 -10.00
CA ARG A 333 22.82 -7.78 -9.46
C ARG A 333 22.56 -7.83 -7.96
N ILE A 334 22.95 -6.77 -7.26
CA ILE A 334 22.72 -6.66 -5.82
C ILE A 334 21.79 -5.50 -5.47
N GLY A 335 20.84 -5.76 -4.57
CA GLY A 335 19.87 -4.76 -4.14
C GLY A 335 19.57 -4.82 -2.65
N VAL A 336 19.13 -3.69 -2.11
CA VAL A 336 18.66 -3.66 -0.74
C VAL A 336 17.21 -3.15 -0.68
N LYS A 337 16.50 -3.52 0.38
CA LYS A 337 15.12 -3.10 0.61
C LYS A 337 14.94 -2.71 2.08
N LEU A 338 14.54 -1.47 2.31
CA LEU A 338 14.21 -1.02 3.67
C LEU A 338 12.72 -0.77 3.75
N ASP A 339 12.10 -1.27 4.82
CA ASP A 339 10.65 -1.11 5.00
C ASP A 339 10.27 -1.17 6.49
N ASN A 340 8.95 -1.09 6.74
CA ASN A 340 8.43 -0.99 8.11
C ASN A 340 9.04 0.23 8.80
N ILE A 341 9.04 1.38 8.12
CA ILE A 341 9.79 2.52 8.58
C ILE A 341 9.05 3.24 9.70
N ILE A 342 9.76 3.51 10.79
CA ILE A 342 9.21 4.26 11.91
C ILE A 342 9.24 5.76 11.60
N ILE A 343 8.10 6.41 11.77
CA ILE A 343 7.97 7.86 11.58
C ILE A 343 8.11 8.55 12.92
N ASN A 344 8.78 9.70 12.91
CA ASN A 344 9.07 10.48 14.10
C ASN A 344 8.52 11.89 13.96
#